data_7SUV
#
_entry.id   7SUV
#
_cell.length_a   71.112
_cell.length_b   66.486
_cell.length_c   91.983
_cell.angle_alpha   90.000
_cell.angle_beta   110.693
_cell.angle_gamma   90.000
#
_symmetry.space_group_name_H-M   'P 1 21 1'
#
loop_
_entity.id
_entity.type
_entity.pdbx_description
1 polymer "DNA (5'-D(P*TP*CP*GP*AP*CP*GP*GP*AP*TP*CP*C)-3')"
2 polymer "DNA (5'-D(*GP*CP*TP*GP*AP*TP*GP*CP*GP*(8OG))-3')"
3 polymer "DNA (5'-D(*GP*GP*AP*TP*CP*CP*GP*TP*CP*GP*AP*AP*CP*GP*CP*AP*TP*CP*AP*GP*C)-3')"
4 polymer 'DNA-(apurinic or apyrimidinic site) lyase'
5 water water
#
loop_
_entity_poly.entity_id
_entity_poly.type
_entity_poly.pdbx_seq_one_letter_code
_entity_poly.pdbx_strand_id
1 'polydeoxyribonucleotide' (DT)(DC)(DG)(DA)(DC)(DG)(DG)(DA)(DT)(DC)(DC) C
2 'polydeoxyribonucleotide' (DG)(DC)(DT)(DG)(DA)(DT)(DG)(DC)(DG)(8OG) D
3 'polydeoxyribonucleotide'
;(DG)(DG)(DA)(DT)(DC)(DC)(DG)(DT)(DC)(DG)(DA)(DA)(DC)(DG)(DC)(DA)(DT)(DC)(DA)(DG)
(DC)
;
E
4 'polypeptide(L)'
;ALYEDPPDQKTSPSGKPATLKICSWNVDGLRAWIKKKGLDWVKEEAPDILCLQQTKCSENKLPAELQELPGLSHQYWSAP
SDKEGYSGVGLLSRQAPLKVSYGIGDEEHDQEGRVIVAEFDSFVLVTAYVPNAGRGLVRLEYRQRWDEAFRKFLKGLASR
KPLVLCGNLNVAHEEIDLRNPKGNKKNAGFTPQERQGFGELLQAVPLADSFRHLYPNTPYAYTFWTYMMNARSKNVGWRL
DYFLLSHSLLPALCDSKIRSKALGSDHCPITLYLAL
;
A,B
#
loop_
_chem_comp.id
_chem_comp.type
_chem_comp.name
_chem_comp.formula
8OG DNA linking 8-OXO-2'-DEOXY-GUANOSINE-5'-MONOPHOSPHATE 'C10 H14 N5 O8 P'
DA DNA linking 2'-DEOXYADENOSINE-5'-MONOPHOSPHATE 'C10 H14 N5 O6 P'
DC DNA linking 2'-DEOXYCYTIDINE-5'-MONOPHOSPHATE 'C9 H14 N3 O7 P'
DG DNA linking 2'-DEOXYGUANOSINE-5'-MONOPHOSPHATE 'C10 H14 N5 O7 P'
DT DNA linking THYMIDINE-5'-MONOPHOSPHATE 'C10 H15 N2 O8 P'
#
# COMPACT_ATOMS: atom_id res chain seq x y z
P 8OG B 10 8.81 3.84 -27.79
OP1 8OG B 10 8.92 2.49 -27.13
OP2 8OG B 10 7.52 3.75 -28.54
O5' 8OG B 10 8.92 5.17 -26.84
C5' 8OG B 10 10.14 5.92 -26.66
C4' 8OG B 10 10.01 6.84 -25.49
O4' 8OG B 10 11.26 7.56 -25.43
C3' 8OG B 10 8.88 7.93 -25.58
O3' 8OG B 10 7.86 7.72 -24.61
C2' 8OG B 10 9.62 9.24 -25.16
C1' 8OG B 10 11.10 8.93 -25.46
N9 8OG B 10 11.70 9.55 -26.67
C8 8OG B 10 11.16 9.52 -28.05
N7 8OG B 10 12.02 10.15 -28.86
C5 8OG B 10 13.16 10.63 -28.06
C6 8OG B 10 14.32 11.34 -28.38
O6 8OG B 10 14.51 11.68 -29.54
N1 8OG B 10 15.21 11.65 -27.45
C2 8OG B 10 14.94 11.25 -26.19
N2 8OG B 10 15.85 11.58 -25.28
N3 8OG B 10 13.86 10.56 -25.77
C4 8OG B 10 12.94 10.24 -26.73
O8 8OG B 10 10.19 9.05 -28.46
N ALA D 1 -2.56 -19.68 26.37
CA ALA D 1 -1.10 -19.66 26.37
C ALA D 1 -0.63 -18.24 26.62
N LEU D 2 0.54 -18.11 27.26
CA LEU D 2 1.10 -16.79 27.53
C LEU D 2 1.84 -16.27 26.29
N TYR D 3 2.14 -14.97 26.29
CA TYR D 3 2.74 -14.33 25.13
C TYR D 3 3.90 -13.45 25.56
N GLU D 4 5.02 -13.57 24.88
CA GLU D 4 6.18 -12.71 25.08
C GLU D 4 6.46 -11.95 23.79
N ASP D 5 6.16 -10.65 23.80
CA ASP D 5 6.45 -9.79 22.65
C ASP D 5 7.95 -9.86 22.34
N PRO D 6 8.33 -10.03 21.08
CA PRO D 6 9.77 -10.17 20.76
C PRO D 6 10.51 -8.85 20.89
N PRO D 7 11.87 -8.87 20.95
CA PRO D 7 12.65 -7.63 21.12
C PRO D 7 12.31 -6.55 20.09
N ASP D 8 12.58 -5.28 20.42
CA ASP D 8 12.29 -4.20 19.49
C ASP D 8 13.22 -4.28 18.28
N GLN D 9 12.64 -4.39 17.09
CA GLN D 9 13.40 -4.23 15.85
C GLN D 9 13.44 -2.75 15.53
N LYS D 10 14.63 -2.13 15.63
CA LYS D 10 14.75 -0.70 15.43
C LYS D 10 15.45 -0.34 14.11
N THR D 11 15.49 -1.28 13.16
CA THR D 11 16.07 -1.05 11.85
C THR D 11 15.05 -1.44 10.80
N SER D 12 14.90 -0.61 9.78
CA SER D 12 13.91 -0.89 8.73
C SER D 12 14.42 -2.02 7.84
N PRO D 13 13.61 -2.50 6.87
CA PRO D 13 14.16 -3.50 5.94
C PRO D 13 15.32 -2.98 5.13
N SER D 14 15.26 -1.73 4.68
CA SER D 14 16.38 -1.18 3.93
C SER D 14 17.55 -0.75 4.82
N GLY D 15 17.52 -1.11 6.10
CA GLY D 15 18.64 -0.85 6.99
C GLY D 15 18.66 0.52 7.64
N LYS D 16 17.58 1.30 7.50
CA LYS D 16 17.59 2.64 8.09
C LYS D 16 17.24 2.59 9.58
N PRO D 17 17.86 3.44 10.40
CA PRO D 17 17.51 3.46 11.83
C PRO D 17 16.13 4.03 12.06
N ALA D 18 15.48 3.55 13.12
CA ALA D 18 14.17 4.09 13.47
C ALA D 18 14.29 5.56 13.86
N THR D 19 13.39 6.38 13.34
CA THR D 19 13.40 7.83 13.53
C THR D 19 12.32 8.31 14.49
N LEU D 20 11.18 7.64 14.51
CA LEU D 20 9.99 8.12 15.19
C LEU D 20 9.41 6.97 16.00
N LYS D 21 9.04 7.25 17.23
CA LYS D 21 8.52 6.24 18.14
C LYS D 21 7.18 6.73 18.63
N ILE D 22 6.11 6.00 18.29
CA ILE D 22 4.75 6.38 18.66
C ILE D 22 4.21 5.35 19.63
N CYS D 23 3.61 5.82 20.72
CA CYS D 23 3.01 4.95 21.72
C CYS D 23 1.54 5.30 21.85
N SER D 24 0.68 4.28 21.86
CA SER D 24 -0.76 4.48 21.96
C SER D 24 -1.27 3.64 23.12
N TRP D 25 -2.14 4.22 23.95
CA TRP D 25 -2.55 3.54 25.16
C TRP D 25 -3.99 3.90 25.47
N ASN D 26 -4.85 2.90 25.55
CA ASN D 26 -6.22 3.14 25.95
C ASN D 26 -6.23 3.11 27.47
N VAL D 27 -6.13 4.29 28.09
CA VAL D 27 -5.88 4.34 29.53
C VAL D 27 -7.11 3.99 30.34
N ASP D 28 -8.31 4.18 29.79
CA ASP D 28 -9.55 3.82 30.46
C ASP D 28 -9.65 4.44 31.85
N GLY D 29 -9.55 5.77 31.88
CA GLY D 29 -9.60 6.58 33.09
C GLY D 29 -8.25 7.21 33.35
N LEU D 30 -8.01 8.40 32.77
CA LEU D 30 -6.68 9.02 32.81
C LEU D 30 -6.21 9.25 34.25
N ARG D 31 -7.10 9.78 35.10
CA ARG D 31 -6.71 10.08 36.46
C ARG D 31 -6.30 8.82 37.22
N ALA D 32 -7.12 7.77 37.14
CA ALA D 32 -6.72 6.48 37.73
C ALA D 32 -5.41 5.96 37.15
N TRP D 33 -5.31 5.96 35.82
CA TRP D 33 -4.09 5.51 35.15
C TRP D 33 -2.85 6.23 35.68
N ILE D 34 -2.94 7.56 35.82
CA ILE D 34 -1.84 8.33 36.40
C ILE D 34 -1.55 7.88 37.83
N LYS D 35 -2.60 7.70 38.65
CA LYS D 35 -2.37 7.15 39.99
C LYS D 35 -1.65 5.82 39.94
N LYS D 36 -1.99 4.97 38.97
CA LYS D 36 -1.35 3.67 38.89
C LYS D 36 -0.01 3.71 38.14
N LYS D 37 0.60 4.89 38.06
CA LYS D 37 1.98 5.08 37.61
C LYS D 37 2.13 4.96 36.09
N GLY D 38 1.04 5.23 35.35
CA GLY D 38 1.13 5.14 33.90
C GLY D 38 2.23 6.01 33.32
N LEU D 39 2.34 7.25 33.82
CA LEU D 39 3.30 8.21 33.28
C LEU D 39 4.74 7.80 33.57
N ASP D 40 4.97 7.15 34.72
CA ASP D 40 6.28 6.58 34.99
C ASP D 40 6.66 5.58 33.91
N TRP D 41 5.70 4.76 33.48
CA TRP D 41 5.99 3.86 32.37
C TRP D 41 6.26 4.67 31.09
N VAL D 42 5.41 5.66 30.80
CA VAL D 42 5.57 6.47 29.60
C VAL D 42 6.95 7.13 29.57
N LYS D 43 7.39 7.69 30.70
CA LYS D 43 8.73 8.28 30.77
C LYS D 43 9.81 7.26 30.42
N GLU D 44 9.67 6.02 30.88
CA GLU D 44 10.67 5.02 30.52
C GLU D 44 10.60 4.63 29.04
N GLU D 45 9.40 4.59 28.46
CA GLU D 45 9.28 4.19 27.06
C GLU D 45 9.81 5.29 26.14
N ALA D 46 9.61 6.55 26.51
CA ALA D 46 10.17 7.73 25.87
C ALA D 46 9.73 7.87 24.41
N PRO D 47 8.44 7.85 24.12
CA PRO D 47 8.01 8.03 22.73
C PRO D 47 8.10 9.48 22.30
N ASP D 48 8.24 9.66 20.99
CA ASP D 48 8.16 10.99 20.43
C ASP D 48 6.72 11.47 20.41
N ILE D 49 5.77 10.56 20.31
CA ILE D 49 4.35 10.90 20.30
C ILE D 49 3.60 9.88 21.13
N LEU D 50 2.62 10.37 21.89
CA LEU D 50 1.81 9.57 22.80
C LEU D 50 0.35 9.87 22.53
N CYS D 51 -0.39 8.84 22.16
CA CYS D 51 -1.83 8.91 21.90
C CYS D 51 -2.54 8.16 23.01
N LEU D 52 -3.55 8.80 23.60
CA LEU D 52 -4.30 8.24 24.71
C LEU D 52 -5.78 8.15 24.34
N GLN D 53 -6.43 7.05 24.73
CA GLN D 53 -7.85 6.89 24.48
C GLN D 53 -8.57 6.59 25.79
N GLN D 54 -9.87 6.89 25.80
CA GLN D 54 -10.76 6.67 26.96
C GLN D 54 -10.19 7.35 28.21
N THR D 55 -9.98 8.66 28.08
CA THR D 55 -9.38 9.44 29.16
C THR D 55 -10.38 9.64 30.29
N LYS D 56 -11.64 9.84 29.94
CA LYS D 56 -12.70 10.10 30.90
C LYS D 56 -12.30 11.24 31.82
N CYS D 57 -11.92 12.36 31.22
CA CYS D 57 -11.43 13.49 32.00
C CYS D 57 -11.55 14.75 31.18
N SER D 58 -12.21 15.76 31.74
CA SER D 58 -12.26 17.04 31.04
C SER D 58 -10.90 17.74 31.13
N GLU D 59 -10.68 18.68 30.21
CA GLU D 59 -9.42 19.40 30.18
C GLU D 59 -9.16 20.14 31.50
N ASN D 60 -10.21 20.69 32.12
CA ASN D 60 -9.98 21.42 33.36
C ASN D 60 -9.67 20.51 34.53
N LYS D 61 -9.71 19.19 34.35
CA LYS D 61 -9.43 18.23 35.41
C LYS D 61 -8.17 17.42 35.15
N LEU D 62 -7.32 17.83 34.21
CA LEU D 62 -6.09 17.11 33.89
C LEU D 62 -5.10 17.18 35.04
N PRO D 63 -4.54 16.04 35.48
CA PRO D 63 -3.58 16.06 36.59
C PRO D 63 -2.30 16.86 36.30
N ALA D 64 -1.71 17.38 37.37
CA ALA D 64 -0.53 18.22 37.27
C ALA D 64 0.70 17.48 36.75
N GLU D 65 0.78 16.16 36.92
CA GLU D 65 1.93 15.43 36.41
C GLU D 65 2.09 15.60 34.91
N LEU D 66 1.07 15.87 34.17
CA LEU D 66 1.16 15.98 32.68
C LEU D 66 2.00 17.18 32.24
N GLN D 67 1.94 18.30 32.99
CA GLN D 67 2.79 19.47 32.65
C GLN D 67 4.26 19.14 32.96
N GLU D 68 4.51 18.09 33.73
CA GLU D 68 5.90 17.66 34.07
C GLU D 68 6.40 16.68 33.02
N LEU D 69 5.94 16.84 31.77
CA LEU D 69 6.41 15.98 30.64
C LEU D 69 7.10 16.89 29.62
N PRO D 70 8.41 17.21 29.76
CA PRO D 70 9.05 18.18 28.86
C PRO D 70 9.27 17.56 27.47
N GLY D 71 9.44 16.24 27.39
CA GLY D 71 9.62 15.56 26.10
C GLY D 71 8.30 15.36 25.37
N LEU D 72 7.17 15.76 25.97
CA LEU D 72 5.87 15.67 25.32
C LEU D 72 5.08 16.95 25.61
N SER D 73 5.68 18.11 25.29
CA SER D 73 5.16 19.41 25.68
C SER D 73 3.95 19.86 24.89
N HIS D 74 3.74 19.34 23.68
CA HIS D 74 2.61 19.78 22.86
C HIS D 74 1.46 18.80 23.05
N GLN D 75 0.44 19.21 23.80
CA GLN D 75 -0.63 18.33 24.24
C GLN D 75 -1.97 18.79 23.69
N TYR D 76 -2.76 17.84 23.18
CA TYR D 76 -4.03 18.13 22.52
C TYR D 76 -5.08 17.18 23.08
N TRP D 77 -6.25 17.72 23.43
CA TRP D 77 -7.27 16.95 24.14
C TRP D 77 -8.63 17.11 23.47
N SER D 78 -9.45 16.06 23.56
CA SER D 78 -10.79 16.10 22.99
C SER D 78 -11.71 15.29 23.90
N ALA D 79 -12.68 15.95 24.52
CA ALA D 79 -13.67 15.29 25.36
C ALA D 79 -15.06 15.51 24.75
N PRO D 80 -16.04 14.71 25.12
CA PRO D 80 -17.37 14.83 24.50
C PRO D 80 -18.08 16.13 24.90
N SER D 81 -19.20 16.38 24.19
CA SER D 81 -19.95 17.62 24.35
C SER D 81 -20.80 17.55 25.61
N ASP D 82 -21.71 16.58 25.65
CA ASP D 82 -22.74 16.49 26.69
C ASP D 82 -22.32 15.58 27.85
N LYS D 83 -21.76 14.41 27.54
CA LYS D 83 -21.55 13.39 28.55
C LYS D 83 -20.27 13.66 29.34
N GLU D 84 -20.41 13.74 30.66
CA GLU D 84 -19.27 13.92 31.55
C GLU D 84 -18.62 12.57 31.86
N GLY D 85 -17.29 12.56 31.96
CA GLY D 85 -16.57 11.34 32.32
C GLY D 85 -16.71 10.20 31.34
N TYR D 86 -16.89 10.50 30.07
CA TYR D 86 -17.13 9.51 29.04
C TYR D 86 -16.12 9.70 27.92
N SER D 87 -15.71 8.58 27.31
CA SER D 87 -14.84 8.59 26.13
CA SER D 87 -14.84 8.57 26.14
C SER D 87 -13.65 9.52 26.30
N GLY D 88 -13.27 10.22 25.25
CA GLY D 88 -12.16 11.17 25.38
C GLY D 88 -10.82 10.64 24.91
N VAL D 89 -10.11 11.44 24.11
CA VAL D 89 -8.79 11.08 23.61
C VAL D 89 -7.81 12.22 23.85
N GLY D 90 -6.53 11.88 23.84
CA GLY D 90 -5.47 12.87 23.96
C GLY D 90 -4.32 12.52 23.06
N LEU D 91 -3.57 13.55 22.66
CA LEU D 91 -2.40 13.39 21.80
C LEU D 91 -1.31 14.29 22.31
N LEU D 92 -0.16 13.71 22.66
CA LEU D 92 0.99 14.44 23.14
C LEU D 92 2.16 14.20 22.20
N SER D 93 2.87 15.26 21.82
CA SER D 93 3.97 15.15 20.86
CA SER D 93 3.97 15.15 20.86
C SER D 93 5.19 15.94 21.33
N ARG D 94 6.37 15.38 21.08
CA ARG D 94 7.60 16.10 21.38
C ARG D 94 7.71 17.36 20.54
N GLN D 95 7.49 17.24 19.24
CA GLN D 95 7.53 18.38 18.34
C GLN D 95 6.10 18.80 17.99
N ALA D 96 5.94 20.07 17.69
CA ALA D 96 4.62 20.59 17.38
C ALA D 96 4.15 20.04 16.04
N PRO D 97 2.98 19.45 15.97
CA PRO D 97 2.41 19.11 14.66
C PRO D 97 2.21 20.36 13.83
N LEU D 98 2.26 20.18 12.50
CA LEU D 98 1.88 21.27 11.60
C LEU D 98 0.47 21.76 11.89
N LYS D 99 -0.43 20.86 12.27
CA LYS D 99 -1.83 21.20 12.37
C LYS D 99 -2.54 20.13 13.17
N VAL D 100 -3.52 20.54 13.97
CA VAL D 100 -4.29 19.62 14.78
C VAL D 100 -5.77 19.92 14.56
N SER D 101 -6.55 18.89 14.26
CA SER D 101 -7.98 19.01 14.08
C SER D 101 -8.68 17.94 14.89
N TYR D 102 -9.99 18.05 15.00
CA TYR D 102 -10.75 17.23 15.92
C TYR D 102 -11.94 16.64 15.18
N GLY D 103 -12.12 15.32 15.29
CA GLY D 103 -13.25 14.67 14.67
C GLY D 103 -12.97 14.31 13.23
N ILE D 104 -14.02 13.80 12.58
CA ILE D 104 -13.89 13.25 11.23
C ILE D 104 -14.71 14.03 10.21
N GLY D 105 -15.12 15.26 10.54
CA GLY D 105 -15.82 16.08 9.58
C GLY D 105 -17.30 15.79 9.44
N ASP D 106 -17.85 14.89 10.25
N ASP D 106 -17.85 14.89 10.24
CA ASP D 106 -19.27 14.59 10.26
CA ASP D 106 -19.27 14.59 10.26
C ASP D 106 -19.79 14.86 11.67
C ASP D 106 -19.79 14.86 11.67
N GLU D 107 -20.77 15.75 11.79
CA GLU D 107 -21.22 16.19 13.11
C GLU D 107 -21.85 15.05 13.90
N GLU D 108 -22.61 14.18 13.24
CA GLU D 108 -23.18 13.03 13.92
C GLU D 108 -22.14 12.27 14.72
N HIS D 109 -20.93 12.16 14.17
CA HIS D 109 -19.88 11.34 14.77
C HIS D 109 -18.83 12.14 15.52
N ASP D 110 -18.98 13.47 15.62
CA ASP D 110 -17.98 14.32 16.25
C ASP D 110 -18.45 14.89 17.59
N GLN D 111 -19.42 14.25 18.22
CA GLN D 111 -20.00 14.72 19.47
C GLN D 111 -19.42 14.02 20.69
N GLU D 112 -18.62 12.96 20.51
CA GLU D 112 -18.24 12.11 21.63
C GLU D 112 -16.73 12.05 21.88
N GLY D 113 -15.94 12.96 21.31
CA GLY D 113 -14.57 13.11 21.73
C GLY D 113 -13.69 11.92 21.44
N ARG D 114 -13.71 11.47 20.20
CA ARG D 114 -13.17 10.17 19.82
C ARG D 114 -12.01 10.24 18.83
N VAL D 115 -11.71 11.39 18.24
CA VAL D 115 -10.73 11.47 17.15
C VAL D 115 -9.92 12.76 17.23
N ILE D 116 -8.61 12.63 17.28
CA ILE D 116 -7.69 13.74 17.04
C ILE D 116 -6.90 13.45 15.77
N VAL D 117 -6.69 14.46 14.94
CA VAL D 117 -5.88 14.37 13.72
C VAL D 117 -4.72 15.35 13.84
N ALA D 118 -3.50 14.82 13.90
CA ALA D 118 -2.28 15.63 13.96
C ALA D 118 -1.49 15.43 12.68
N GLU D 119 -1.18 16.51 11.98
CA GLU D 119 -0.45 16.46 10.71
C GLU D 119 0.99 16.89 10.93
N PHE D 120 1.94 16.08 10.46
CA PHE D 120 3.35 16.42 10.48
C PHE D 120 3.82 16.64 9.05
N ASP D 121 5.13 16.80 8.89
CA ASP D 121 5.70 16.98 7.55
C ASP D 121 5.41 15.78 6.67
N SER D 122 5.84 14.59 7.13
CA SER D 122 5.88 13.38 6.30
C SER D 122 4.63 12.52 6.39
N PHE D 123 3.79 12.72 7.41
CA PHE D 123 2.63 11.83 7.56
C PHE D 123 1.56 12.58 8.34
N VAL D 124 0.34 12.04 8.30
CA VAL D 124 -0.76 12.51 9.12
C VAL D 124 -1.11 11.39 10.10
N LEU D 125 -1.35 11.76 11.36
CA LEU D 125 -1.55 10.82 12.44
C LEU D 125 -2.95 11.00 13.01
N VAL D 126 -3.73 9.93 13.01
CA VAL D 126 -5.08 9.93 13.55
C VAL D 126 -5.11 8.98 14.73
N THR D 127 -5.48 9.47 15.91
CA THR D 127 -5.77 8.56 17.01
C THR D 127 -7.26 8.57 17.32
N ALA D 128 -7.78 7.38 17.63
CA ALA D 128 -9.21 7.16 17.60
C ALA D 128 -9.62 6.23 18.74
N TYR D 129 -10.80 6.52 19.29
CA TYR D 129 -11.48 5.66 20.26
C TYR D 129 -12.81 5.31 19.61
N VAL D 130 -12.85 4.15 18.97
CA VAL D 130 -13.99 3.71 18.17
C VAL D 130 -15.14 3.26 19.05
N PRO D 131 -16.39 3.59 18.71
CA PRO D 131 -17.53 3.26 19.58
C PRO D 131 -17.71 1.77 19.76
N ASN D 132 -17.70 1.34 21.01
CA ASN D 132 -18.03 -0.03 21.34
C ASN D 132 -19.47 -0.30 20.94
N ALA D 133 -19.73 -1.51 20.42
CA ALA D 133 -21.11 -1.81 20.03
C ALA D 133 -21.98 -2.07 21.24
N GLY D 134 -21.39 -2.25 22.42
CA GLY D 134 -22.15 -2.34 23.64
C GLY D 134 -22.68 -3.72 23.94
N ARG D 135 -22.86 -3.97 25.24
CA ARG D 135 -23.57 -5.15 25.69
C ARG D 135 -24.96 -5.20 25.07
N GLY D 136 -25.37 -6.38 24.64
CA GLY D 136 -26.64 -6.53 23.95
C GLY D 136 -26.64 -6.01 22.53
N LEU D 137 -25.50 -5.48 22.07
CA LEU D 137 -25.34 -4.88 20.74
C LEU D 137 -26.19 -3.63 20.57
N VAL D 138 -26.56 -2.99 21.68
CA VAL D 138 -27.51 -1.88 21.63
C VAL D 138 -27.04 -0.80 20.65
N ARG D 139 -25.72 -0.58 20.56
CA ARG D 139 -25.15 0.41 19.65
C ARG D 139 -24.57 -0.22 18.39
N LEU D 140 -24.91 -1.47 18.08
CA LEU D 140 -24.34 -2.11 16.91
C LEU D 140 -24.70 -1.35 15.64
N GLU D 141 -25.97 -0.97 15.50
CA GLU D 141 -26.40 -0.24 14.31
C GLU D 141 -25.64 1.07 14.16
N TYR D 142 -25.43 1.79 15.26
CA TYR D 142 -24.70 3.06 15.16
C TYR D 142 -23.24 2.82 14.79
N ARG D 143 -22.64 1.75 15.31
CA ARG D 143 -21.24 1.48 14.99
C ARG D 143 -21.06 1.19 13.51
N GLN D 144 -22.08 0.65 12.85
CA GLN D 144 -21.94 0.40 11.43
C GLN D 144 -21.94 1.71 10.66
N ARG D 145 -22.71 2.69 11.13
CA ARG D 145 -22.66 4.02 10.53
C ARG D 145 -21.32 4.68 10.79
N TRP D 146 -20.82 4.58 12.03
CA TRP D 146 -19.47 5.08 12.33
C TRP D 146 -18.44 4.50 11.35
N ASP D 147 -18.36 3.17 11.27
CA ASP D 147 -17.34 2.51 10.46
C ASP D 147 -17.33 3.08 9.04
N GLU D 148 -18.50 3.21 8.43
CA GLU D 148 -18.60 3.76 7.08
C GLU D 148 -18.07 5.18 7.03
N ALA D 149 -18.53 6.05 7.92
CA ALA D 149 -18.09 7.44 7.89
C ALA D 149 -16.59 7.55 8.16
N PHE D 150 -16.10 6.79 9.14
CA PHE D 150 -14.67 6.79 9.47
C PHE D 150 -13.84 6.33 8.28
N ARG D 151 -14.26 5.22 7.66
CA ARG D 151 -13.61 4.72 6.46
C ARG D 151 -13.44 5.82 5.42
N LYS D 152 -14.57 6.42 5.01
CA LYS D 152 -14.54 7.44 3.99
C LYS D 152 -13.56 8.53 4.36
N PHE D 153 -13.57 8.93 5.62
CA PHE D 153 -12.73 10.03 6.09
C PHE D 153 -11.25 9.67 6.00
N LEU D 154 -10.89 8.45 6.42
CA LEU D 154 -9.48 8.06 6.40
C LEU D 154 -8.98 7.91 4.95
N LYS D 155 -9.82 7.36 4.09
CA LYS D 155 -9.45 7.28 2.68
C LYS D 155 -9.07 8.67 2.16
N GLY D 156 -9.87 9.68 2.50
CA GLY D 156 -9.54 11.05 2.10
C GLY D 156 -8.18 11.49 2.59
N LEU D 157 -7.94 11.38 3.90
CA LEU D 157 -6.62 11.71 4.44
C LEU D 157 -5.52 10.92 3.72
N ALA D 158 -5.70 9.61 3.57
CA ALA D 158 -4.67 8.79 2.94
C ALA D 158 -4.43 9.16 1.48
N SER D 159 -5.40 9.82 0.85
CA SER D 159 -5.23 10.28 -0.53
C SER D 159 -4.18 11.37 -0.65
N ARG D 160 -3.95 12.13 0.42
CA ARG D 160 -3.07 13.30 0.30
C ARG D 160 -1.74 13.14 1.01
N LYS D 161 -1.58 12.16 1.88
CA LYS D 161 -0.39 12.10 2.70
C LYS D 161 -0.37 10.72 3.33
N PRO D 162 0.79 10.15 3.63
CA PRO D 162 0.81 8.85 4.32
C PRO D 162 0.10 8.98 5.67
N LEU D 163 -0.65 7.94 6.01
CA LEU D 163 -1.56 7.90 7.14
C LEU D 163 -1.08 6.90 8.18
N VAL D 164 -1.07 7.30 9.43
CA VAL D 164 -0.91 6.38 10.56
C VAL D 164 -2.17 6.52 11.38
N LEU D 165 -2.87 5.41 11.59
CA LEU D 165 -4.04 5.39 12.45
C LEU D 165 -3.73 4.53 13.67
N CYS D 166 -4.01 5.05 14.86
CA CYS D 166 -3.76 4.25 16.05
C CYS D 166 -4.88 4.44 17.05
N GLY D 167 -5.01 3.45 17.92
CA GLY D 167 -5.87 3.59 19.06
C GLY D 167 -6.73 2.38 19.23
N ASN D 168 -7.78 2.53 20.04
CA ASN D 168 -8.70 1.44 20.35
C ASN D 168 -9.74 1.36 19.22
N LEU D 169 -9.54 0.43 18.28
CA LEU D 169 -10.49 0.31 17.19
C LEU D 169 -11.68 -0.59 17.55
N ASN D 170 -11.73 -1.11 18.77
CA ASN D 170 -12.88 -1.87 19.28
C ASN D 170 -13.32 -2.97 18.32
N VAL D 171 -12.37 -3.70 17.75
CA VAL D 171 -12.72 -4.90 17.00
C VAL D 171 -11.51 -5.84 16.98
N ALA D 172 -11.77 -7.12 17.20
CA ALA D 172 -10.77 -8.16 16.98
C ALA D 172 -10.96 -8.63 15.54
N HIS D 173 -10.03 -8.28 14.67
CA HIS D 173 -10.26 -8.51 13.25
C HIS D 173 -10.57 -9.97 12.95
N GLU D 174 -9.67 -10.88 13.34
CA GLU D 174 -9.82 -12.29 13.00
C GLU D 174 -9.73 -13.15 14.25
N GLU D 175 -9.96 -14.46 14.07
CA GLU D 175 -10.01 -15.36 15.21
C GLU D 175 -8.69 -15.39 15.96
N ILE D 176 -7.57 -15.22 15.24
CA ILE D 176 -6.28 -15.14 15.87
C ILE D 176 -6.17 -13.95 16.83
N ASP D 177 -7.07 -12.96 16.72
CA ASP D 177 -6.96 -11.71 17.48
C ASP D 177 -7.71 -11.71 18.81
N LEU D 178 -8.28 -12.84 19.23
CA LEU D 178 -8.86 -12.92 20.57
C LEU D 178 -8.84 -14.38 21.02
N ARG D 179 -9.04 -14.58 22.32
CA ARG D 179 -8.82 -15.92 22.88
C ARG D 179 -10.02 -16.85 22.69
N ASN D 180 -11.23 -16.28 22.66
CA ASN D 180 -12.47 -17.04 22.57
C ASN D 180 -13.30 -16.57 21.37
N PRO D 181 -12.85 -16.88 20.15
CA PRO D 181 -13.65 -16.46 18.99
C PRO D 181 -15.03 -17.10 18.94
N LYS D 182 -15.11 -18.39 19.24
CA LYS D 182 -16.39 -19.07 19.23
C LYS D 182 -17.39 -18.42 20.18
N GLY D 183 -16.99 -18.19 21.43
CA GLY D 183 -17.94 -17.63 22.37
C GLY D 183 -18.25 -16.16 22.18
N ASN D 184 -17.67 -15.52 21.17
CA ASN D 184 -17.81 -14.07 21.03
C ASN D 184 -18.38 -13.68 19.69
N LYS D 185 -18.84 -14.63 18.88
CA LYS D 185 -19.26 -14.31 17.53
C LYS D 185 -20.47 -13.39 17.52
N LYS D 186 -21.16 -13.25 18.65
CA LYS D 186 -22.30 -12.34 18.75
C LYS D 186 -22.09 -11.28 19.83
N ASN D 187 -20.86 -11.09 20.30
CA ASN D 187 -20.60 -10.05 21.28
C ASN D 187 -19.91 -8.86 20.63
N ALA D 188 -20.01 -7.70 21.30
CA ALA D 188 -19.38 -6.51 20.75
C ALA D 188 -17.88 -6.74 20.55
N GLY D 189 -17.36 -6.30 19.43
CA GLY D 189 -15.96 -6.41 19.14
C GLY D 189 -15.60 -7.59 18.27
N PHE D 190 -16.50 -8.57 18.11
CA PHE D 190 -16.22 -9.71 17.23
C PHE D 190 -17.48 -10.16 16.48
N THR D 191 -18.41 -9.26 16.22
CA THR D 191 -19.53 -9.62 15.38
C THR D 191 -19.10 -9.63 13.92
N PRO D 192 -19.79 -10.39 13.05
CA PRO D 192 -19.42 -10.36 11.63
C PRO D 192 -19.46 -8.97 11.04
N GLN D 193 -20.38 -8.10 11.51
CA GLN D 193 -20.43 -6.75 10.96
C GLN D 193 -19.21 -5.92 11.39
N GLU D 194 -18.83 -5.99 12.65
CA GLU D 194 -17.60 -5.33 13.07
C GLU D 194 -16.39 -5.89 12.30
N ARG D 195 -16.26 -7.22 12.23
CA ARG D 195 -15.12 -7.80 11.52
C ARG D 195 -15.12 -7.42 10.04
N GLN D 196 -16.28 -7.42 9.40
CA GLN D 196 -16.35 -6.97 8.01
C GLN D 196 -15.95 -5.51 7.87
N GLY D 197 -16.42 -4.66 8.79
CA GLY D 197 -16.07 -3.25 8.70
C GLY D 197 -14.59 -3.00 8.85
N PHE D 198 -13.91 -3.81 9.66
CA PHE D 198 -12.45 -3.69 9.75
C PHE D 198 -11.80 -4.13 8.43
N GLY D 199 -12.23 -5.26 7.90
CA GLY D 199 -11.66 -5.72 6.62
C GLY D 199 -11.88 -4.72 5.50
N GLU D 200 -13.06 -4.11 5.48
CA GLU D 200 -13.32 -3.10 4.48
C GLU D 200 -12.45 -1.87 4.69
N LEU D 201 -12.12 -1.54 5.94
CA LEU D 201 -11.19 -0.44 6.18
C LEU D 201 -9.84 -0.77 5.58
N LEU D 202 -9.37 -2.00 5.78
CA LEU D 202 -8.08 -2.40 5.25
C LEU D 202 -8.04 -2.36 3.73
N GLN D 203 -9.16 -2.64 3.04
CA GLN D 203 -9.09 -2.67 1.58
C GLN D 203 -9.45 -1.35 0.93
N ALA D 204 -10.31 -0.55 1.55
CA ALA D 204 -10.85 0.64 0.88
C ALA D 204 -9.91 1.84 0.94
N VAL D 205 -9.16 1.99 2.04
CA VAL D 205 -8.32 3.17 2.23
C VAL D 205 -7.13 3.10 1.27
N PRO D 206 -6.35 2.02 1.19
CA PRO D 206 -6.26 0.81 2.02
C PRO D 206 -5.26 1.05 3.14
N LEU D 207 -5.20 0.14 4.10
CA LEU D 207 -4.28 0.24 5.23
C LEU D 207 -3.76 -1.14 5.55
N ALA D 208 -2.52 -1.19 6.03
CA ALA D 208 -1.92 -2.40 6.57
C ALA D 208 -2.07 -2.43 8.10
N ASP D 209 -2.44 -3.58 8.65
CA ASP D 209 -2.40 -3.80 10.10
C ASP D 209 -0.95 -4.07 10.45
N SER D 210 -0.26 -3.05 11.01
CA SER D 210 1.19 -3.12 11.13
C SER D 210 1.64 -4.38 11.87
N PHE D 211 1.02 -4.69 13.00
CA PHE D 211 1.46 -5.87 13.76
C PHE D 211 1.24 -7.17 12.99
N ARG D 212 0.08 -7.33 12.35
CA ARG D 212 -0.20 -8.58 11.65
C ARG D 212 0.66 -8.69 10.39
N HIS D 213 1.03 -7.56 9.79
CA HIS D 213 1.96 -7.58 8.68
C HIS D 213 3.31 -8.16 9.10
N LEU D 214 3.75 -7.83 10.32
CA LEU D 214 5.04 -8.32 10.79
C LEU D 214 4.96 -9.72 11.40
N TYR D 215 3.82 -10.09 11.98
CA TYR D 215 3.70 -11.35 12.72
C TYR D 215 2.43 -12.05 12.28
N PRO D 216 2.37 -12.47 11.01
CA PRO D 216 1.10 -12.99 10.49
C PRO D 216 0.68 -14.31 11.10
N ASN D 217 1.59 -15.04 11.75
CA ASN D 217 1.28 -16.34 12.31
C ASN D 217 1.33 -16.34 13.84
N THR D 218 1.23 -15.18 14.46
CA THR D 218 1.46 -15.09 15.90
C THR D 218 0.16 -15.01 16.68
N PRO D 219 -0.22 -16.07 17.39
CA PRO D 219 -1.44 -16.03 18.20
C PRO D 219 -1.15 -15.58 19.63
N TYR D 220 -2.22 -15.41 20.39
CA TYR D 220 -2.17 -15.07 21.81
C TYR D 220 -1.59 -13.68 22.06
N ALA D 221 -1.58 -12.81 21.05
CA ALA D 221 -1.03 -11.47 21.17
C ALA D 221 -2.22 -10.51 21.32
N TYR D 222 -2.44 -10.01 22.53
CA TYR D 222 -3.64 -9.25 22.86
C TYR D 222 -3.27 -7.92 23.50
N THR D 223 -4.18 -6.96 23.40
CA THR D 223 -3.99 -5.64 23.99
C THR D 223 -5.04 -5.24 25.01
N PHE D 224 -6.07 -6.06 25.22
CA PHE D 224 -7.11 -5.81 26.20
C PHE D 224 -7.47 -7.12 26.88
N TRP D 225 -7.71 -7.06 28.19
CA TRP D 225 -8.24 -8.19 28.94
C TRP D 225 -9.24 -7.64 29.95
N THR D 226 -10.43 -8.21 29.97
CA THR D 226 -11.43 -7.73 30.93
C THR D 226 -10.87 -7.76 32.34
N TYR D 227 -11.30 -6.81 33.16
CA TYR D 227 -10.92 -6.82 34.56
C TYR D 227 -11.46 -8.05 35.29
N MET D 228 -12.55 -8.63 34.81
CA MET D 228 -13.18 -9.72 35.54
C MET D 228 -12.46 -11.05 35.31
N MET D 229 -12.63 -11.94 36.29
CA MET D 229 -12.24 -13.34 36.19
C MET D 229 -10.73 -13.50 35.99
N ASN D 230 -9.96 -12.49 36.39
CA ASN D 230 -8.49 -12.48 36.30
C ASN D 230 -8.00 -12.87 34.90
N ALA D 231 -8.73 -12.38 33.88
CA ALA D 231 -8.44 -12.68 32.49
C ALA D 231 -7.01 -12.35 32.15
N ARG D 232 -6.49 -11.21 32.63
CA ARG D 232 -5.18 -10.79 32.15
C ARG D 232 -4.09 -11.75 32.62
N SER D 233 -4.19 -12.27 33.84
CA SER D 233 -3.19 -13.23 34.29
C SER D 233 -3.27 -14.56 33.55
N LYS D 234 -4.42 -14.91 32.99
CA LYS D 234 -4.53 -16.10 32.14
C LYS D 234 -4.36 -15.79 30.65
N ASN D 235 -4.13 -14.51 30.31
CA ASN D 235 -4.05 -14.01 28.93
C ASN D 235 -5.30 -14.36 28.13
N VAL D 236 -6.47 -14.20 28.75
CA VAL D 236 -7.74 -14.31 28.04
C VAL D 236 -8.08 -12.89 27.57
N GLY D 237 -7.68 -12.56 26.34
CA GLY D 237 -7.71 -11.19 25.89
C GLY D 237 -8.12 -11.05 24.44
N TRP D 238 -8.13 -9.79 24.00
CA TRP D 238 -8.48 -9.39 22.63
C TRP D 238 -7.41 -8.43 22.10
N ARG D 239 -7.10 -8.52 20.80
CA ARG D 239 -6.27 -7.50 20.16
C ARG D 239 -7.23 -6.44 19.62
N LEU D 240 -7.31 -5.30 20.32
CA LEU D 240 -8.22 -4.20 20.01
C LEU D 240 -7.49 -2.92 19.61
N ASP D 241 -6.21 -2.81 19.93
CA ASP D 241 -5.45 -1.60 19.70
C ASP D 241 -4.46 -1.86 18.57
N TYR D 242 -4.44 -0.97 17.60
CA TYR D 242 -3.71 -1.20 16.35
C TYR D 242 -2.95 0.05 15.95
N PHE D 243 -1.91 -0.15 15.15
CA PHE D 243 -1.34 0.88 14.29
C PHE D 243 -1.62 0.43 12.86
N LEU D 244 -2.46 1.18 12.16
CA LEU D 244 -2.72 0.90 10.76
C LEU D 244 -1.94 1.91 9.92
N LEU D 245 -1.46 1.47 8.76
CA LEU D 245 -0.53 2.29 7.99
C LEU D 245 -0.85 2.28 6.50
N SER D 246 -0.77 3.47 5.90
CA SER D 246 -0.65 3.54 4.45
C SER D 246 0.41 2.56 3.96
N HIS D 247 0.14 1.90 2.82
CA HIS D 247 1.14 0.96 2.34
C HIS D 247 2.48 1.63 2.08
N SER D 248 2.47 2.91 1.69
CA SER D 248 3.73 3.61 1.44
C SER D 248 4.58 3.72 2.71
N LEU D 249 4.00 3.47 3.88
CA LEU D 249 4.79 3.54 5.10
C LEU D 249 5.37 2.17 5.50
N LEU D 250 4.93 1.09 4.88
CA LEU D 250 5.53 -0.22 5.12
C LEU D 250 7.04 -0.26 4.91
N PRO D 251 7.64 0.39 3.92
CA PRO D 251 9.12 0.39 3.85
C PRO D 251 9.78 1.16 4.98
N ALA D 252 9.06 2.04 5.65
CA ALA D 252 9.59 2.76 6.79
C ALA D 252 9.38 2.04 8.11
N LEU D 253 8.60 0.95 8.11
CA LEU D 253 8.23 0.28 9.36
C LEU D 253 9.40 -0.52 9.91
N CYS D 254 9.68 -0.32 11.20
CA CYS D 254 10.69 -1.13 11.87
C CYS D 254 10.06 -2.18 12.77
N ASP D 255 9.12 -1.77 13.62
CA ASP D 255 8.43 -2.76 14.44
C ASP D 255 7.13 -2.14 14.97
N SER D 256 6.22 -3.04 15.34
CA SER D 256 4.96 -2.71 15.98
C SER D 256 4.87 -3.59 17.21
N LYS D 257 4.82 -2.98 18.40
CA LYS D 257 5.02 -3.69 19.66
C LYS D 257 3.74 -3.74 20.47
N ILE D 258 3.63 -4.77 21.31
CA ILE D 258 2.54 -4.91 22.27
C ILE D 258 3.18 -4.95 23.65
N ARG D 259 2.98 -3.90 24.43
CA ARG D 259 3.73 -3.74 25.68
C ARG D 259 2.99 -4.41 26.83
N SER D 260 2.97 -5.75 26.77
CA SER D 260 2.10 -6.59 27.60
C SER D 260 2.28 -6.36 29.10
N LYS D 261 3.49 -6.05 29.54
CA LYS D 261 3.80 -6.00 30.96
C LYS D 261 3.35 -4.70 31.63
N ALA D 262 3.01 -3.66 30.86
CA ALA D 262 2.76 -2.34 31.42
C ALA D 262 1.35 -2.29 32.00
N LEU D 263 1.26 -2.10 33.32
CA LEU D 263 0.00 -2.11 34.01
C LEU D 263 -0.63 -0.73 34.03
N GLY D 264 -1.81 -0.62 34.63
CA GLY D 264 -2.49 0.65 34.81
C GLY D 264 -3.82 0.79 34.08
N SER D 265 -4.23 -0.19 33.27
CA SER D 265 -5.46 -0.11 32.51
C SER D 265 -5.88 -1.54 32.21
N ASP D 266 -7.09 -1.72 31.66
CA ASP D 266 -7.45 -3.03 31.13
C ASP D 266 -7.00 -3.19 29.67
N HIS D 267 -6.39 -2.16 29.08
CA HIS D 267 -5.58 -2.30 27.89
C HIS D 267 -4.11 -2.12 28.25
N CYS D 268 -3.25 -2.72 27.45
CA CYS D 268 -1.83 -2.42 27.53
C CYS D 268 -1.45 -1.43 26.42
N PRO D 269 -0.26 -0.82 26.49
CA PRO D 269 0.13 0.08 25.42
C PRO D 269 0.66 -0.70 24.24
N ILE D 270 0.76 0.00 23.11
CA ILE D 270 1.37 -0.51 21.88
C ILE D 270 2.34 0.56 21.38
N THR D 271 3.39 0.13 20.69
CA THR D 271 4.40 1.09 20.27
C THR D 271 4.83 0.78 18.83
N LEU D 272 4.94 1.84 18.05
CA LEU D 272 5.35 1.79 16.64
C LEU D 272 6.71 2.45 16.50
N TYR D 273 7.57 1.85 15.67
CA TYR D 273 8.86 2.44 15.31
C TYR D 273 8.89 2.60 13.80
N LEU D 274 9.02 3.84 13.32
CA LEU D 274 9.16 4.14 11.90
C LEU D 274 10.51 4.78 11.63
N ALA D 275 11.09 4.45 10.47
CA ALA D 275 12.32 5.08 10.01
C ALA D 275 11.89 6.08 8.95
N LEU D 276 11.75 7.32 9.38
CA LEU D 276 11.27 8.42 8.55
C LEU D 276 12.35 9.49 8.31
N ALA E 1 19.91 12.97 -10.54
CA ALA E 1 20.60 12.19 -9.51
C ALA E 1 20.48 10.69 -9.80
N LEU E 2 21.26 9.87 -9.08
CA LEU E 2 21.27 8.43 -9.23
C LEU E 2 20.29 7.77 -8.27
N TYR E 3 19.82 6.58 -8.65
CA TYR E 3 18.71 5.91 -7.98
C TYR E 3 19.08 4.49 -7.58
N GLU E 4 18.66 4.09 -6.38
CA GLU E 4 18.81 2.71 -5.91
C GLU E 4 17.45 2.20 -5.46
N ASP E 5 16.96 1.17 -6.18
CA ASP E 5 15.70 0.52 -5.82
C ASP E 5 15.84 -0.16 -4.46
N PRO E 6 14.88 -0.01 -3.56
CA PRO E 6 14.99 -0.65 -2.23
C PRO E 6 14.80 -2.14 -2.32
N PRO E 7 15.13 -2.88 -1.25
CA PRO E 7 15.05 -4.34 -1.33
C PRO E 7 13.64 -4.81 -1.59
N ASP E 8 13.52 -6.02 -2.12
CA ASP E 8 12.21 -6.59 -2.43
C ASP E 8 11.45 -6.89 -1.14
N GLN E 9 10.25 -6.34 -1.04
N GLN E 9 10.28 -6.28 -1.00
CA GLN E 9 9.34 -6.68 0.05
CA GLN E 9 9.32 -6.69 0.03
C GLN E 9 8.43 -7.81 -0.42
C GLN E 9 8.52 -7.85 -0.52
N LYS E 10 8.64 -9.02 0.09
CA LYS E 10 7.99 -10.23 -0.41
C LYS E 10 6.86 -10.70 0.47
N THR E 11 6.40 -9.87 1.41
CA THR E 11 5.20 -10.15 2.18
C THR E 11 4.17 -9.05 1.93
N SER E 12 2.90 -9.43 1.97
CA SER E 12 1.81 -8.53 1.66
C SER E 12 1.53 -7.63 2.86
N PRO E 13 0.63 -6.65 2.72
CA PRO E 13 0.25 -5.83 3.88
C PRO E 13 -0.37 -6.62 5.02
N SER E 14 -0.79 -7.87 4.79
CA SER E 14 -1.29 -8.73 5.84
C SER E 14 -0.29 -9.81 6.22
N GLY E 15 0.95 -9.73 5.74
CA GLY E 15 1.95 -10.68 6.15
C GLY E 15 2.02 -11.95 5.33
N LYS E 16 1.19 -12.07 4.31
CA LYS E 16 1.16 -13.28 3.47
C LYS E 16 2.32 -13.23 2.47
N PRO E 17 2.99 -14.36 2.24
CA PRO E 17 4.12 -14.37 1.30
C PRO E 17 3.66 -14.18 -0.14
N ALA E 18 4.46 -13.47 -0.92
CA ALA E 18 4.21 -13.39 -2.35
C ALA E 18 4.16 -14.79 -2.95
N THR E 19 3.19 -15.02 -3.84
CA THR E 19 3.02 -16.27 -4.55
C THR E 19 3.20 -16.14 -6.06
N LEU E 20 3.36 -14.92 -6.56
CA LEU E 20 3.35 -14.69 -7.99
C LEU E 20 4.31 -13.55 -8.26
N LYS E 21 5.22 -13.77 -9.19
CA LYS E 21 6.24 -12.80 -9.52
C LYS E 21 6.13 -12.58 -11.04
N ILE E 22 5.77 -11.35 -11.42
CA ILE E 22 5.61 -10.98 -12.82
C ILE E 22 6.72 -10.01 -13.17
N CYS E 23 7.44 -10.28 -14.26
CA CYS E 23 8.45 -9.36 -14.72
C CYS E 23 8.06 -8.87 -16.11
N SER E 24 8.27 -7.59 -16.35
CA SER E 24 7.89 -6.96 -17.61
C SER E 24 9.10 -6.22 -18.17
N TRP E 25 9.33 -6.35 -19.46
CA TRP E 25 10.57 -5.80 -20.01
C TRP E 25 10.36 -5.41 -21.47
N ASN E 26 10.50 -4.13 -21.75
CA ASN E 26 10.52 -3.64 -23.12
C ASN E 26 11.92 -3.91 -23.66
N VAL E 27 12.07 -5.02 -24.39
CA VAL E 27 13.40 -5.50 -24.76
C VAL E 27 13.99 -4.72 -25.93
N ASP E 28 13.15 -4.03 -26.71
CA ASP E 28 13.60 -3.21 -27.83
C ASP E 28 14.52 -4.00 -28.75
N GLY E 29 14.02 -5.12 -29.24
CA GLY E 29 14.83 -5.98 -30.10
C GLY E 29 15.10 -7.32 -29.46
N LEU E 30 14.17 -8.27 -29.64
CA LEU E 30 14.25 -9.53 -28.91
C LEU E 30 15.55 -10.27 -29.19
N ARG E 31 16.01 -10.27 -30.45
CA ARG E 31 17.19 -11.05 -30.79
C ARG E 31 18.45 -10.43 -30.21
N ALA E 32 18.65 -9.12 -30.42
CA ALA E 32 19.79 -8.45 -29.80
C ALA E 32 19.73 -8.55 -28.27
N TRP E 33 18.54 -8.43 -27.69
CA TRP E 33 18.40 -8.57 -26.25
C TRP E 33 18.94 -9.91 -25.76
N ILE E 34 18.61 -10.99 -26.47
CA ILE E 34 19.10 -12.32 -26.10
C ILE E 34 20.61 -12.39 -26.26
N LYS E 35 21.14 -11.84 -27.34
CA LYS E 35 22.58 -11.78 -27.54
C LYS E 35 23.28 -10.96 -26.46
N LYS E 36 22.61 -9.94 -25.94
CA LYS E 36 23.18 -9.15 -24.85
C LYS E 36 22.88 -9.75 -23.46
N LYS E 37 22.60 -11.05 -23.42
CA LYS E 37 22.48 -11.86 -22.21
C LYS E 37 21.17 -11.64 -21.45
N GLY E 38 20.14 -11.11 -22.11
CA GLY E 38 18.90 -10.79 -21.42
C GLY E 38 18.26 -12.01 -20.77
N LEU E 39 18.37 -13.17 -21.41
CA LEU E 39 17.73 -14.37 -20.89
C LEU E 39 18.46 -14.91 -19.68
N ASP E 40 19.77 -14.68 -19.58
CA ASP E 40 20.48 -15.06 -18.36
C ASP E 40 19.89 -14.29 -17.18
N TRP E 41 19.78 -12.97 -17.32
CA TRP E 41 19.17 -12.18 -16.25
C TRP E 41 17.79 -12.70 -15.90
N VAL E 42 16.98 -13.04 -16.92
CA VAL E 42 15.65 -13.57 -16.66
C VAL E 42 15.74 -14.82 -15.79
N LYS E 43 16.60 -15.76 -16.17
CA LYS E 43 16.73 -17.01 -15.41
C LYS E 43 17.10 -16.75 -13.95
N GLU E 44 17.91 -15.72 -13.68
CA GLU E 44 18.24 -15.40 -12.30
C GLU E 44 17.09 -14.68 -11.59
N GLU E 45 16.35 -13.83 -12.30
CA GLU E 45 15.17 -13.21 -11.71
C GLU E 45 14.09 -14.24 -11.44
N ALA E 46 14.00 -15.26 -12.30
CA ALA E 46 13.09 -16.38 -12.13
C ALA E 46 11.62 -15.98 -11.96
N PRO E 47 11.09 -15.12 -12.83
CA PRO E 47 9.69 -14.73 -12.69
C PRO E 47 8.76 -15.89 -12.99
N ASP E 48 7.54 -15.80 -12.49
CA ASP E 48 6.51 -16.77 -12.84
C ASP E 48 5.88 -16.44 -14.18
N ILE E 49 5.85 -15.15 -14.53
CA ILE E 49 5.33 -14.68 -15.80
C ILE E 49 6.28 -13.61 -16.28
N LEU E 50 6.62 -13.65 -17.57
CA LEU E 50 7.50 -12.68 -18.19
C LEU E 50 6.79 -12.07 -19.38
N CYS E 51 6.71 -10.75 -19.40
CA CYS E 51 6.02 -10.00 -20.44
C CYS E 51 7.05 -9.19 -21.18
N LEU E 52 7.06 -9.30 -22.51
CA LEU E 52 8.05 -8.62 -23.32
C LEU E 52 7.36 -7.66 -24.27
N GLN E 53 7.97 -6.48 -24.48
CA GLN E 53 7.46 -5.48 -25.41
C GLN E 53 8.55 -5.05 -26.39
N GLN E 54 8.11 -4.58 -27.56
CA GLN E 54 9.00 -4.18 -28.65
C GLN E 54 9.97 -5.32 -28.98
N THR E 55 9.41 -6.50 -29.26
CA THR E 55 10.23 -7.65 -29.60
C THR E 55 10.92 -7.48 -30.95
N LYS E 56 10.26 -6.80 -31.90
CA LYS E 56 10.81 -6.57 -33.24
C LYS E 56 11.29 -7.88 -33.85
N CYS E 57 10.41 -8.88 -33.83
CA CYS E 57 10.81 -10.21 -34.28
C CYS E 57 9.57 -10.99 -34.69
N SER E 58 9.49 -11.37 -35.96
CA SER E 58 8.32 -12.15 -36.37
C SER E 58 8.33 -13.51 -35.67
N GLU E 59 7.16 -14.17 -35.68
CA GLU E 59 7.05 -15.46 -35.01
C GLU E 59 8.01 -16.47 -35.61
N ASN E 60 8.18 -16.44 -36.94
CA ASN E 60 9.08 -17.36 -37.63
C ASN E 60 10.52 -17.23 -37.14
N LYS E 61 10.95 -16.03 -36.75
CA LYS E 61 12.35 -15.77 -36.46
C LYS E 61 12.66 -15.82 -34.96
N LEU E 62 11.83 -16.49 -34.16
CA LEU E 62 12.04 -16.53 -32.71
C LEU E 62 13.30 -17.34 -32.37
N PRO E 63 14.25 -16.77 -31.64
CA PRO E 63 15.51 -17.47 -31.36
C PRO E 63 15.28 -18.80 -30.64
N ALA E 64 16.15 -19.76 -30.97
CA ALA E 64 16.08 -21.09 -30.40
C ALA E 64 16.13 -21.06 -28.88
N GLU E 65 16.92 -20.15 -28.30
CA GLU E 65 17.07 -20.09 -26.85
C GLU E 65 15.73 -20.02 -26.12
N LEU E 66 14.66 -19.54 -26.76
CA LEU E 66 13.41 -19.31 -26.06
C LEU E 66 12.71 -20.60 -25.65
N GLN E 67 12.86 -21.68 -26.43
CA GLN E 67 12.30 -22.95 -25.99
C GLN E 67 13.14 -23.63 -24.92
N GLU E 68 14.42 -23.25 -24.80
CA GLU E 68 15.28 -23.65 -23.67
C GLU E 68 14.77 -23.17 -22.27
N LEU E 69 13.84 -22.22 -22.15
CA LEU E 69 13.07 -21.96 -20.93
C LEU E 69 12.01 -22.92 -20.43
N PRO E 70 12.28 -23.72 -19.39
CA PRO E 70 11.32 -24.72 -18.97
C PRO E 70 10.50 -24.11 -17.84
N GLY E 71 10.98 -23.05 -17.20
N GLY E 71 10.98 -23.05 -17.20
CA GLY E 71 10.20 -22.34 -16.21
CA GLY E 71 10.20 -22.34 -16.21
C GLY E 71 9.20 -21.36 -16.78
C GLY E 71 9.20 -21.36 -16.78
N LEU E 72 9.24 -21.13 -18.09
CA LEU E 72 8.33 -20.23 -18.78
C LEU E 72 7.92 -20.88 -20.10
N SER E 73 7.39 -22.11 -20.00
CA SER E 73 7.21 -22.94 -21.18
C SER E 73 5.98 -22.54 -21.99
N HIS E 74 5.00 -21.87 -21.39
CA HIS E 74 3.80 -21.44 -22.09
C HIS E 74 4.03 -20.05 -22.66
N GLN E 75 4.22 -19.95 -23.98
CA GLN E 75 4.72 -18.73 -24.59
C GLN E 75 3.78 -18.26 -25.68
N TYR E 76 3.48 -16.97 -25.67
CA TYR E 76 2.51 -16.36 -26.57
C TYR E 76 3.14 -15.10 -27.15
N TRP E 77 2.91 -14.88 -28.43
CA TRP E 77 3.55 -13.79 -29.13
C TRP E 77 2.55 -13.14 -30.05
N SER E 78 2.76 -11.85 -30.31
CA SER E 78 1.93 -11.12 -31.26
C SER E 78 2.82 -10.16 -32.04
N ALA E 79 2.77 -10.26 -33.35
CA ALA E 79 3.55 -9.42 -34.24
C ALA E 79 2.63 -8.56 -35.08
N PRO E 80 3.12 -7.46 -35.64
CA PRO E 80 2.27 -6.63 -36.50
C PRO E 80 1.75 -7.42 -37.69
N SER E 81 0.53 -7.05 -38.12
CA SER E 81 -0.07 -7.58 -39.33
C SER E 81 0.88 -7.53 -40.53
N ASP E 82 1.50 -6.36 -40.77
CA ASP E 82 2.24 -6.13 -42.01
C ASP E 82 3.59 -5.44 -41.84
N LYS E 83 3.82 -4.65 -40.79
CA LYS E 83 5.12 -4.03 -40.59
C LYS E 83 6.08 -5.04 -39.95
N GLU E 84 7.21 -5.27 -40.59
CA GLU E 84 8.00 -6.48 -40.32
C GLU E 84 8.90 -6.38 -39.10
N GLY E 85 9.68 -5.32 -38.95
CA GLY E 85 10.56 -5.32 -37.79
C GLY E 85 10.13 -4.40 -36.66
N TYR E 86 8.83 -4.33 -36.43
CA TYR E 86 8.20 -3.24 -35.71
C TYR E 86 7.38 -3.77 -34.56
N SER E 87 7.40 -3.05 -33.43
CA SER E 87 6.50 -3.37 -32.31
C SER E 87 6.64 -4.83 -31.88
N GLY E 88 5.53 -5.49 -31.56
CA GLY E 88 5.59 -6.87 -31.12
C GLY E 88 5.62 -7.05 -29.62
N VAL E 89 4.85 -8.00 -29.09
CA VAL E 89 4.91 -8.32 -27.67
C VAL E 89 4.91 -9.83 -27.52
N GLY E 90 5.23 -10.27 -26.29
CA GLY E 90 5.21 -11.66 -25.94
C GLY E 90 4.86 -11.82 -24.48
N LEU E 91 4.33 -12.99 -24.13
CA LEU E 91 3.95 -13.32 -22.76
C LEU E 91 4.35 -14.76 -22.50
N LEU E 92 5.28 -14.96 -21.57
CA LEU E 92 5.74 -16.30 -21.21
C LEU E 92 5.30 -16.58 -19.78
N SER E 93 4.74 -17.76 -19.53
CA SER E 93 4.20 -18.08 -18.21
CA SER E 93 4.20 -18.07 -18.22
C SER E 93 4.63 -19.47 -17.78
N ARG E 94 4.85 -19.61 -16.46
CA ARG E 94 5.19 -20.90 -15.90
C ARG E 94 4.03 -21.87 -16.00
N GLN E 95 2.85 -21.43 -15.58
CA GLN E 95 1.62 -22.19 -15.65
C GLN E 95 0.81 -21.74 -16.84
N ALA E 96 0.10 -22.69 -17.44
CA ALA E 96 -0.72 -22.38 -18.60
C ALA E 96 -1.85 -21.45 -18.19
N PRO E 97 -2.13 -20.40 -18.96
CA PRO E 97 -3.32 -19.58 -18.69
C PRO E 97 -4.59 -20.33 -19.08
N LEU E 98 -5.71 -19.85 -18.55
CA LEU E 98 -7.00 -20.39 -18.96
C LEU E 98 -7.32 -20.02 -20.40
N LYS E 99 -6.93 -18.81 -20.81
CA LYS E 99 -7.38 -18.26 -22.07
C LYS E 99 -6.46 -17.10 -22.43
N VAL E 100 -6.07 -17.04 -23.70
CA VAL E 100 -5.20 -16.00 -24.21
C VAL E 100 -5.87 -15.36 -25.43
N SER E 101 -5.81 -14.04 -25.51
CA SER E 101 -6.34 -13.32 -26.67
C SER E 101 -5.37 -12.21 -27.06
N TYR E 102 -5.49 -11.76 -28.30
CA TYR E 102 -4.60 -10.78 -28.90
C TYR E 102 -5.41 -9.56 -29.26
N GLY E 103 -4.84 -8.37 -29.02
CA GLY E 103 -5.53 -7.14 -29.32
C GLY E 103 -6.65 -6.85 -28.33
N ILE E 104 -7.35 -5.74 -28.60
CA ILE E 104 -8.38 -5.26 -27.69
C ILE E 104 -9.76 -5.39 -28.28
N GLY E 105 -9.90 -5.98 -29.46
CA GLY E 105 -11.21 -6.13 -30.06
C GLY E 105 -11.67 -4.95 -30.87
N ASP E 106 -10.74 -4.14 -31.36
CA ASP E 106 -11.06 -3.00 -32.20
C ASP E 106 -10.10 -3.04 -33.37
N GLU E 107 -10.66 -3.19 -34.58
CA GLU E 107 -9.84 -3.44 -35.77
C GLU E 107 -8.71 -2.42 -35.90
N GLU E 108 -9.04 -1.14 -35.81
CA GLU E 108 -8.05 -0.09 -36.08
C GLU E 108 -6.83 -0.24 -35.17
N HIS E 109 -7.01 -0.73 -33.95
CA HIS E 109 -5.93 -0.74 -32.98
C HIS E 109 -5.27 -2.10 -32.80
N ASP E 110 -5.71 -3.13 -33.54
CA ASP E 110 -5.23 -4.50 -33.33
C ASP E 110 -4.32 -4.98 -34.47
N GLN E 111 -3.69 -4.06 -35.19
CA GLN E 111 -2.91 -4.46 -36.37
C GLN E 111 -1.40 -4.31 -36.17
N GLU E 112 -0.94 -3.86 -35.00
CA GLU E 112 0.48 -3.59 -34.80
C GLU E 112 1.11 -4.42 -33.69
N GLY E 113 0.54 -5.57 -33.37
CA GLY E 113 1.11 -6.48 -32.39
C GLY E 113 1.46 -5.86 -31.04
N ARG E 114 0.46 -5.33 -30.34
CA ARG E 114 0.70 -4.50 -29.17
C ARG E 114 0.16 -5.07 -27.87
N VAL E 115 -0.80 -6.01 -27.92
CA VAL E 115 -1.56 -6.38 -26.73
C VAL E 115 -1.74 -7.89 -26.69
N ILE E 116 -1.40 -8.49 -25.56
CA ILE E 116 -1.73 -9.87 -25.24
C ILE E 116 -2.50 -9.84 -23.94
N VAL E 117 -3.61 -10.58 -23.88
CA VAL E 117 -4.44 -10.73 -22.69
C VAL E 117 -4.37 -12.18 -22.26
N ALA E 118 -3.93 -12.43 -21.02
CA ALA E 118 -3.81 -13.78 -20.51
C ALA E 118 -4.68 -13.91 -19.26
N GLU E 119 -5.64 -14.83 -19.30
CA GLU E 119 -6.56 -14.99 -18.18
C GLU E 119 -6.09 -16.11 -17.27
N PHE E 120 -5.97 -15.81 -15.97
CA PHE E 120 -5.62 -16.80 -14.97
C PHE E 120 -6.79 -16.98 -14.02
N ASP E 121 -6.60 -17.87 -13.03
CA ASP E 121 -7.70 -18.21 -12.12
C ASP E 121 -8.30 -16.97 -11.48
N SER E 122 -7.49 -16.15 -10.84
CA SER E 122 -8.02 -15.08 -10.00
C SER E 122 -7.80 -13.69 -10.56
N PHE E 123 -7.19 -13.55 -11.74
CA PHE E 123 -7.01 -12.22 -12.32
C PHE E 123 -6.82 -12.36 -13.81
N VAL E 124 -6.85 -11.23 -14.50
CA VAL E 124 -6.47 -11.22 -15.90
C VAL E 124 -5.25 -10.31 -16.04
N LEU E 125 -4.30 -10.74 -16.87
CA LEU E 125 -3.07 -10.00 -17.11
C LEU E 125 -3.09 -9.47 -18.53
N VAL E 126 -2.87 -8.16 -18.69
CA VAL E 126 -2.71 -7.56 -20.01
C VAL E 126 -1.27 -7.05 -20.10
N THR E 127 -0.60 -7.33 -21.20
CA THR E 127 0.66 -6.64 -21.44
C THR E 127 0.55 -5.88 -22.75
N ALA E 128 1.16 -4.70 -22.77
CA ALA E 128 0.88 -3.75 -23.83
C ALA E 128 2.15 -3.01 -24.22
N TYR E 129 2.28 -2.73 -25.51
CA TYR E 129 3.27 -1.79 -26.03
C TYR E 129 2.44 -0.65 -26.62
N VAL E 130 2.28 0.43 -25.86
CA VAL E 130 1.37 1.50 -26.27
C VAL E 130 2.02 2.31 -27.39
N PRO E 131 1.26 2.80 -28.36
CA PRO E 131 1.89 3.43 -29.53
C PRO E 131 2.53 4.77 -29.16
N ASN E 132 3.78 4.94 -29.57
CA ASN E 132 4.50 6.19 -29.37
C ASN E 132 3.84 7.32 -30.14
N ALA E 133 3.82 8.52 -29.56
CA ALA E 133 3.20 9.64 -30.25
C ALA E 133 4.03 10.11 -31.44
N GLY E 134 5.32 9.81 -31.46
CA GLY E 134 6.14 10.01 -32.64
C GLY E 134 6.93 11.31 -32.60
N ARG E 135 8.07 11.31 -33.30
CA ARG E 135 8.85 12.52 -33.45
C ARG E 135 7.98 13.62 -34.07
N GLY E 136 8.06 14.82 -33.52
CA GLY E 136 7.22 15.90 -34.01
C GLY E 136 5.74 15.66 -33.83
N LEU E 137 5.37 14.68 -32.99
CA LEU E 137 3.99 14.45 -32.56
C LEU E 137 3.07 14.08 -33.73
N VAL E 138 3.64 13.48 -34.77
CA VAL E 138 2.89 13.14 -35.98
C VAL E 138 1.79 12.10 -35.69
N ARG E 139 1.99 11.18 -34.75
CA ARG E 139 1.00 10.18 -34.44
C ARG E 139 0.22 10.49 -33.15
N LEU E 140 0.29 11.73 -32.67
CA LEU E 140 -0.41 12.10 -31.44
C LEU E 140 -1.91 11.99 -31.59
N GLU E 141 -2.45 12.47 -32.71
CA GLU E 141 -3.89 12.31 -32.98
C GLU E 141 -4.31 10.84 -32.88
N TYR E 142 -3.52 9.93 -33.46
CA TYR E 142 -3.89 8.52 -33.39
C TYR E 142 -3.76 8.02 -31.96
N ARG E 143 -2.71 8.46 -31.26
CA ARG E 143 -2.48 8.01 -29.89
C ARG E 143 -3.68 8.31 -29.00
N GLN E 144 -4.30 9.49 -29.17
CA GLN E 144 -5.45 9.82 -28.33
C GLN E 144 -6.63 8.92 -28.60
N ARG E 145 -6.77 8.44 -29.83
CA ARG E 145 -7.83 7.48 -30.14
C ARG E 145 -7.51 6.11 -29.55
N TRP E 146 -6.25 5.68 -29.63
CA TRP E 146 -5.82 4.48 -28.92
C TRP E 146 -6.15 4.57 -27.44
N ASP E 147 -5.78 5.68 -26.80
CA ASP E 147 -5.95 5.80 -25.36
C ASP E 147 -7.38 5.53 -24.95
N GLU E 148 -8.35 6.01 -25.74
CA GLU E 148 -9.75 5.87 -25.37
C GLU E 148 -10.27 4.46 -25.61
N ALA E 149 -9.91 3.86 -26.75
CA ALA E 149 -10.34 2.48 -27.00
C ALA E 149 -9.72 1.55 -25.97
N PHE E 150 -8.44 1.75 -25.66
CA PHE E 150 -7.75 0.91 -24.70
C PHE E 150 -8.35 1.05 -23.32
N ARG E 151 -8.63 2.29 -22.90
CA ARG E 151 -9.32 2.52 -21.62
C ARG E 151 -10.66 1.78 -21.58
N LYS E 152 -11.46 1.95 -22.62
CA LYS E 152 -12.78 1.33 -22.63
C LYS E 152 -12.66 -0.19 -22.57
N PHE E 153 -11.71 -0.75 -23.32
CA PHE E 153 -11.48 -2.19 -23.29
C PHE E 153 -11.08 -2.65 -21.89
N LEU E 154 -10.15 -1.97 -21.26
CA LEU E 154 -9.69 -2.37 -19.94
C LEU E 154 -10.78 -2.21 -18.89
N LYS E 155 -11.64 -1.21 -19.05
CA LYS E 155 -12.75 -1.03 -18.11
C LYS E 155 -13.69 -2.22 -18.19
N GLY E 156 -13.99 -2.69 -19.41
CA GLY E 156 -14.82 -3.87 -19.55
C GLY E 156 -14.18 -5.11 -18.96
N LEU E 157 -12.90 -5.33 -19.25
CA LEU E 157 -12.18 -6.44 -18.64
C LEU E 157 -12.25 -6.41 -17.12
N ALA E 158 -11.90 -5.26 -16.53
CA ALA E 158 -11.81 -5.19 -15.08
C ALA E 158 -13.17 -5.29 -14.41
N SER E 159 -14.25 -5.08 -15.17
CA SER E 159 -15.59 -5.30 -14.63
C SER E 159 -15.91 -6.77 -14.42
N ARG E 160 -15.10 -7.69 -14.97
CA ARG E 160 -15.37 -9.11 -14.84
C ARG E 160 -14.34 -9.86 -14.03
N LYS E 161 -13.14 -9.31 -13.84
CA LYS E 161 -12.08 -10.00 -13.11
C LYS E 161 -11.06 -8.96 -12.72
N PRO E 162 -10.36 -9.13 -11.60
CA PRO E 162 -9.30 -8.17 -11.24
C PRO E 162 -8.23 -8.14 -12.32
N LEU E 163 -7.65 -6.97 -12.54
CA LEU E 163 -6.80 -6.72 -13.70
C LEU E 163 -5.41 -6.25 -13.29
N VAL E 164 -4.41 -6.88 -13.89
CA VAL E 164 -3.04 -6.40 -13.94
C VAL E 164 -2.75 -5.98 -15.37
N LEU E 165 -2.31 -4.74 -15.55
CA LEU E 165 -1.81 -4.24 -16.83
C LEU E 165 -0.35 -3.89 -16.68
N CYS E 166 0.51 -4.39 -17.58
CA CYS E 166 1.92 -4.06 -17.50
C CYS E 166 2.52 -3.78 -18.86
N GLY E 167 3.66 -3.07 -18.85
CA GLY E 167 4.42 -2.90 -20.06
C GLY E 167 4.79 -1.46 -20.26
N ASN E 168 5.12 -1.13 -21.50
CA ASN E 168 5.57 0.20 -21.88
C ASN E 168 4.34 0.98 -22.30
N LEU E 169 3.84 1.84 -21.41
CA LEU E 169 2.64 2.61 -21.69
C LEU E 169 2.95 3.92 -22.38
N ASN E 170 4.23 4.24 -22.55
CA ASN E 170 4.66 5.35 -23.41
C ASN E 170 4.10 6.68 -22.95
N VAL E 171 4.09 6.89 -21.64
CA VAL E 171 3.87 8.22 -21.08
C VAL E 171 4.50 8.23 -19.70
N ALA E 172 5.10 9.36 -19.36
CA ALA E 172 5.54 9.63 -18.00
C ALA E 172 4.43 10.43 -17.38
N HIS E 173 3.74 9.82 -16.41
CA HIS E 173 2.49 10.36 -15.91
C HIS E 173 2.66 11.80 -15.41
N GLU E 174 3.64 12.03 -14.55
CA GLU E 174 3.78 13.28 -13.81
C GLU E 174 5.22 13.75 -13.89
N GLU E 175 5.48 14.97 -13.41
CA GLU E 175 6.81 15.54 -13.60
C GLU E 175 7.87 14.74 -12.86
N ILE E 176 7.51 14.14 -11.72
CA ILE E 176 8.45 13.26 -11.04
C ILE E 176 8.83 12.03 -11.89
N ASP E 177 8.09 11.74 -12.94
CA ASP E 177 8.35 10.50 -13.68
C ASP E 177 9.39 10.63 -14.79
N LEU E 178 10.07 11.78 -14.92
CA LEU E 178 11.16 11.93 -15.88
C LEU E 178 12.10 13.02 -15.39
N ARG E 179 13.33 12.99 -15.91
N ARG E 179 13.34 12.99 -15.91
CA ARG E 179 14.39 13.85 -15.38
CA ARG E 179 14.38 13.86 -15.36
C ARG E 179 14.25 15.28 -15.86
C ARG E 179 14.24 15.30 -15.86
N ASN E 180 13.78 15.50 -17.08
CA ASN E 180 13.68 16.83 -17.69
C ASN E 180 12.25 17.10 -18.14
N PRO E 181 11.32 17.29 -17.19
CA PRO E 181 9.93 17.56 -17.60
C PRO E 181 9.74 18.86 -18.39
N LYS E 182 10.48 19.91 -18.04
CA LYS E 182 10.22 21.22 -18.66
C LYS E 182 10.52 21.21 -20.15
N GLY E 183 11.64 20.64 -20.54
CA GLY E 183 11.95 20.59 -21.95
C GLY E 183 11.16 19.58 -22.76
N ASN E 184 10.28 18.80 -22.14
CA ASN E 184 9.63 17.71 -22.85
C ASN E 184 8.13 17.86 -22.97
N LYS E 185 7.58 19.02 -22.60
CA LYS E 185 6.13 19.16 -22.60
C LYS E 185 5.52 19.18 -23.99
N LYS E 186 6.34 19.22 -25.04
CA LYS E 186 5.83 19.14 -26.39
C LYS E 186 6.42 17.94 -27.13
N ASN E 187 7.02 17.02 -26.39
CA ASN E 187 7.63 15.82 -26.95
C ASN E 187 6.80 14.60 -26.58
N ALA E 188 6.92 13.58 -27.41
CA ALA E 188 6.16 12.36 -27.19
C ALA E 188 6.49 11.78 -25.83
N GLY E 189 5.49 11.31 -25.14
CA GLY E 189 5.66 10.75 -23.83
C GLY E 189 5.39 11.71 -22.69
N PHE E 190 5.36 13.02 -22.98
CA PHE E 190 5.08 13.98 -21.92
C PHE E 190 4.17 15.09 -22.41
N THR E 191 3.36 14.84 -23.44
CA THR E 191 2.40 15.85 -23.84
C THR E 191 1.24 15.90 -22.84
N PRO E 192 0.60 17.04 -22.70
CA PRO E 192 -0.59 17.09 -21.83
C PRO E 192 -1.66 16.11 -22.29
N GLN E 193 -1.78 15.89 -23.60
CA GLN E 193 -2.72 14.89 -24.08
C GLN E 193 -2.38 13.51 -23.51
N GLU E 194 -1.12 13.09 -23.64
CA GLU E 194 -0.74 11.76 -23.17
C GLU E 194 -0.88 11.65 -21.66
N ARG E 195 -0.49 12.70 -20.94
CA ARG E 195 -0.63 12.69 -19.48
C ARG E 195 -2.09 12.68 -19.08
N GLN E 196 -2.94 13.44 -19.77
CA GLN E 196 -4.36 13.42 -19.48
C GLN E 196 -4.92 12.01 -19.63
N GLY E 197 -4.63 11.37 -20.77
CA GLY E 197 -5.17 10.05 -21.00
C GLY E 197 -4.74 9.05 -19.96
N PHE E 198 -3.49 9.12 -19.51
CA PHE E 198 -3.05 8.21 -18.46
C PHE E 198 -3.85 8.44 -17.17
N GLY E 199 -4.10 9.71 -16.83
CA GLY E 199 -4.93 10.00 -15.67
C GLY E 199 -6.34 9.47 -15.85
N GLU E 200 -6.90 9.64 -17.04
CA GLU E 200 -8.22 9.08 -17.32
C GLU E 200 -8.19 7.56 -17.23
N LEU E 201 -7.07 6.95 -17.60
CA LEU E 201 -6.96 5.50 -17.52
C LEU E 201 -7.03 5.04 -16.06
N LEU E 202 -6.23 5.66 -15.19
CA LEU E 202 -6.29 5.32 -13.77
C LEU E 202 -7.69 5.52 -13.21
N GLN E 203 -8.36 6.62 -13.57
CA GLN E 203 -9.64 6.92 -12.94
C GLN E 203 -10.78 6.12 -13.55
N ALA E 204 -10.75 5.91 -14.87
CA ALA E 204 -11.91 5.33 -15.55
C ALA E 204 -12.03 3.83 -15.35
N VAL E 205 -10.92 3.10 -15.22
CA VAL E 205 -11.00 1.63 -15.26
C VAL E 205 -11.67 1.09 -14.01
N PRO E 206 -11.21 1.39 -12.79
CA PRO E 206 -10.06 2.20 -12.38
C PRO E 206 -8.81 1.35 -12.12
N LEU E 207 -7.65 2.00 -12.11
CA LEU E 207 -6.39 1.34 -11.87
C LEU E 207 -5.53 2.19 -10.95
N ALA E 208 -4.63 1.53 -10.24
CA ALA E 208 -3.64 2.19 -9.41
C ALA E 208 -2.25 1.90 -9.94
N ASP E 209 -1.38 2.91 -9.89
CA ASP E 209 0.02 2.80 -10.33
C ASP E 209 0.80 2.17 -9.18
N SER E 210 1.05 0.87 -9.29
CA SER E 210 1.65 0.09 -8.20
C SER E 210 2.89 0.75 -7.65
N PHE E 211 3.78 1.19 -8.52
CA PHE E 211 5.01 1.76 -8.01
C PHE E 211 4.74 3.08 -7.29
N ARG E 212 3.82 3.89 -7.79
CA ARG E 212 3.54 5.16 -7.13
C ARG E 212 2.77 4.96 -5.84
N HIS E 213 1.92 3.94 -5.79
CA HIS E 213 1.19 3.66 -4.57
C HIS E 213 2.14 3.40 -3.42
N LEU E 214 3.25 2.70 -3.69
CA LEU E 214 4.18 2.37 -2.61
C LEU E 214 5.22 3.45 -2.37
N TYR E 215 5.59 4.19 -3.42
CA TYR E 215 6.67 5.19 -3.36
C TYR E 215 6.18 6.47 -3.99
N PRO E 216 5.20 7.13 -3.37
CA PRO E 216 4.52 8.26 -4.04
C PRO E 216 5.39 9.51 -4.17
N ASN E 217 6.52 9.59 -3.49
CA ASN E 217 7.34 10.80 -3.55
C ASN E 217 8.79 10.50 -3.89
N THR E 218 9.06 9.36 -4.53
CA THR E 218 10.44 8.97 -4.78
C THR E 218 10.85 9.44 -6.12
N PRO E 219 11.78 10.42 -6.24
CA PRO E 219 12.19 10.95 -7.52
C PRO E 219 13.24 10.07 -8.18
N TYR E 220 13.54 10.40 -9.44
CA TYR E 220 14.66 9.81 -10.17
C TYR E 220 14.54 8.29 -10.37
N ALA E 221 13.33 7.73 -10.32
CA ALA E 221 13.12 6.31 -10.61
C ALA E 221 12.55 6.18 -12.00
N TYR E 222 13.35 5.67 -12.95
CA TYR E 222 12.98 5.62 -14.35
C TYR E 222 13.15 4.21 -14.90
N THR E 223 12.50 3.96 -16.04
CA THR E 223 12.55 2.66 -16.68
C THR E 223 13.15 2.75 -18.07
N PHE E 224 13.50 3.94 -18.53
CA PHE E 224 13.99 4.12 -19.88
C PHE E 224 15.00 5.25 -19.90
N TRP E 225 16.00 5.13 -20.77
CA TRP E 225 16.96 6.20 -21.02
C TRP E 225 17.37 6.11 -22.48
N THR E 226 17.40 7.24 -23.16
CA THR E 226 17.84 7.22 -24.55
C THR E 226 19.24 6.65 -24.66
N TYR E 227 19.46 5.84 -25.69
CA TYR E 227 20.81 5.38 -26.00
C TYR E 227 21.77 6.54 -26.22
N MET E 228 21.27 7.65 -26.75
CA MET E 228 22.10 8.81 -27.03
C MET E 228 22.54 9.54 -25.76
N MET E 229 23.58 10.34 -25.92
CA MET E 229 24.05 11.31 -24.93
C MET E 229 24.39 10.69 -23.58
N ASN E 230 24.64 9.38 -23.53
CA ASN E 230 25.05 8.71 -22.30
C ASN E 230 24.00 8.88 -21.20
N ALA E 231 22.72 8.86 -21.58
CA ALA E 231 21.67 9.23 -20.64
C ALA E 231 21.62 8.29 -19.45
N ARG E 232 21.78 6.99 -19.70
CA ARG E 232 21.64 6.03 -18.60
C ARG E 232 22.73 6.22 -17.56
N SER E 233 23.96 6.48 -18.00
CA SER E 233 25.06 6.72 -17.06
C SER E 233 24.79 7.95 -16.18
N LYS E 234 24.02 8.90 -16.68
CA LYS E 234 23.64 10.07 -15.90
C LYS E 234 22.27 9.91 -15.27
N ASN E 235 21.59 8.79 -15.49
CA ASN E 235 20.22 8.57 -15.02
C ASN E 235 19.30 9.69 -15.47
N VAL E 236 19.42 10.09 -16.73
CA VAL E 236 18.51 11.06 -17.32
C VAL E 236 17.46 10.23 -18.05
N GLY E 237 16.40 9.85 -17.33
CA GLY E 237 15.47 8.90 -17.90
C GLY E 237 14.00 9.24 -17.73
N TRP E 238 13.14 8.30 -18.13
CA TRP E 238 11.71 8.40 -17.99
C TRP E 238 11.17 7.11 -17.38
N ARG E 239 10.15 7.22 -16.53
CA ARG E 239 9.40 6.04 -16.09
C ARG E 239 8.25 5.84 -17.07
N LEU E 240 8.41 4.86 -17.98
CA LEU E 240 7.43 4.52 -18.99
C LEU E 240 6.81 3.15 -18.80
N ASP E 241 7.45 2.29 -18.03
CA ASP E 241 7.01 0.93 -17.83
C ASP E 241 6.35 0.83 -16.46
N TYR E 242 5.10 0.33 -16.43
CA TYR E 242 4.25 0.35 -15.25
C TYR E 242 3.66 -1.03 -14.98
N PHE E 243 3.26 -1.24 -13.73
CA PHE E 243 2.28 -2.27 -13.36
C PHE E 243 1.08 -1.52 -12.80
N LEU E 244 -0.05 -1.60 -13.48
CA LEU E 244 -1.27 -0.92 -13.06
C LEU E 244 -2.24 -1.99 -12.58
N LEU E 245 -2.86 -1.77 -11.42
CA LEU E 245 -3.63 -2.81 -10.74
C LEU E 245 -5.04 -2.34 -10.42
N SER E 246 -5.99 -3.26 -10.51
CA SER E 246 -7.29 -3.02 -9.89
C SER E 246 -7.10 -2.73 -8.41
N HIS E 247 -7.99 -1.87 -7.88
CA HIS E 247 -7.86 -1.50 -6.47
C HIS E 247 -7.97 -2.72 -5.57
N SER E 248 -8.78 -3.70 -5.95
CA SER E 248 -8.98 -4.84 -5.06
C SER E 248 -7.72 -5.68 -4.92
N LEU E 249 -6.71 -5.43 -5.74
CA LEU E 249 -5.47 -6.18 -5.62
C LEU E 249 -4.45 -5.49 -4.73
N LEU E 250 -4.69 -4.22 -4.39
CA LEU E 250 -3.74 -3.50 -3.55
C LEU E 250 -3.39 -4.22 -2.26
N PRO E 251 -4.29 -4.94 -1.59
CA PRO E 251 -3.86 -5.70 -0.41
C PRO E 251 -3.11 -6.96 -0.76
N ALA E 252 -3.10 -7.37 -2.03
CA ALA E 252 -2.26 -8.46 -2.50
C ALA E 252 -0.89 -7.97 -2.93
N LEU E 253 -0.70 -6.66 -3.02
CA LEU E 253 0.53 -6.09 -3.54
C LEU E 253 1.62 -6.20 -2.50
N CYS E 254 2.72 -6.84 -2.87
CA CYS E 254 3.89 -6.93 -2.01
C CYS E 254 4.94 -5.89 -2.37
N ASP E 255 5.35 -5.85 -3.62
CA ASP E 255 6.27 -4.79 -4.01
C ASP E 255 6.16 -4.64 -5.52
N SER E 256 6.65 -3.50 -5.99
CA SER E 256 6.70 -3.17 -7.40
C SER E 256 8.09 -2.58 -7.65
N LYS E 257 8.92 -3.29 -8.42
CA LYS E 257 10.34 -3.00 -8.48
C LYS E 257 10.76 -2.42 -9.82
N ILE E 258 11.89 -1.73 -9.80
CA ILE E 258 12.55 -1.23 -10.99
C ILE E 258 13.96 -1.81 -10.97
N ARG E 259 14.26 -2.65 -11.96
CA ARG E 259 15.53 -3.39 -12.02
C ARG E 259 16.55 -2.57 -12.81
N SER E 260 16.97 -1.48 -12.17
CA SER E 260 17.75 -0.46 -12.86
C SER E 260 19.03 -1.01 -13.48
N LYS E 261 19.62 -2.06 -12.91
CA LYS E 261 20.97 -2.46 -13.30
C LYS E 261 21.01 -3.60 -14.31
N ALA E 262 19.86 -4.16 -14.69
CA ALA E 262 19.82 -5.17 -15.73
C ALA E 262 19.95 -4.47 -17.08
N LEU E 263 20.95 -4.87 -17.86
CA LEU E 263 21.27 -4.22 -19.13
C LEU E 263 20.69 -5.03 -20.29
N GLY E 264 20.83 -4.50 -21.50
CA GLY E 264 20.44 -5.20 -22.71
C GLY E 264 19.33 -4.54 -23.49
N SER E 265 18.87 -3.36 -23.11
CA SER E 265 17.84 -2.63 -23.82
C SER E 265 18.03 -1.16 -23.47
N ASP E 266 17.21 -0.28 -24.06
CA ASP E 266 17.14 1.06 -23.51
C ASP E 266 16.04 1.19 -22.44
N HIS E 267 15.31 0.12 -22.14
CA HIS E 267 14.48 0.03 -20.94
C HIS E 267 15.11 -0.98 -20.00
N CYS E 268 14.87 -0.79 -18.70
CA CYS E 268 15.19 -1.83 -17.75
C CYS E 268 13.92 -2.62 -17.44
N PRO E 269 14.03 -3.79 -16.81
CA PRO E 269 12.82 -4.54 -16.46
C PRO E 269 12.22 -4.01 -15.18
N ILE E 270 10.95 -4.37 -14.96
CA ILE E 270 10.23 -4.06 -13.74
C ILE E 270 9.58 -5.36 -13.26
N THR E 271 9.39 -5.49 -11.95
CA THR E 271 8.92 -6.74 -11.42
C THR E 271 7.86 -6.50 -10.35
N LEU E 272 6.78 -7.27 -10.42
CA LEU E 272 5.65 -7.17 -9.51
C LEU E 272 5.57 -8.44 -8.68
N TYR E 273 5.39 -8.29 -7.37
CA TYR E 273 5.18 -9.40 -6.44
C TYR E 273 3.78 -9.28 -5.87
N LEU E 274 2.99 -10.33 -6.02
CA LEU E 274 1.64 -10.37 -5.52
C LEU E 274 1.47 -11.61 -4.65
N ALA E 275 0.63 -11.48 -3.62
CA ALA E 275 0.22 -12.58 -2.75
C ALA E 275 -1.22 -12.91 -3.12
N LEU E 276 -1.40 -13.96 -3.89
CA LEU E 276 -2.71 -14.33 -4.39
C LEU E 276 -3.19 -15.64 -3.76
#